data_4J3L
#
_entry.id   4J3L
#
_cell.length_a   67.207
_cell.length_b   67.207
_cell.length_c   115.799
_cell.angle_alpha   90.000
_cell.angle_beta   90.000
_cell.angle_gamma   90.000
#
_symmetry.space_group_name_H-M   'P 41 21 2'
#
loop_
_entity.id
_entity.type
_entity.pdbx_description
1 polymer Tankyrase-2
2 non-polymer 'ZINC ION'
3 non-polymer 'SULFATE ION'
4 non-polymer 3-chloro-N-(2-methoxyethyl)-4-(4-methyl-2-oxo-1,2-dihydroquinolin-7-yl)benzamide
5 water water
#
_entity_poly.entity_id   1
_entity_poly.type   'polypeptide(L)'
_entity_poly.pdbx_seq_one_letter_code
;GTILIDLSPDDKEFQSVEEEMQSTVREHRDGGHAGGIFNRYNILKIQKVCNKKLWERYTHRRKEVSEENHNHANERMLFH
GSPFVNAIIHKGFDERHAYIGGMFGAGIYFAENSSKSNQYVYGIGGGTGCPVHKDRSCYICHRQLLFCRVTLGKSFLQFS
AMKMAHSPPGHHSVTGRPSVNGLALAEYVIYRGEQAYPEYLITYQIMRPE
;
_entity_poly.pdbx_strand_id   A
#
loop_
_chem_comp.id
_chem_comp.type
_chem_comp.name
_chem_comp.formula
AJ5 non-polymer 3-chloro-N-(2-methoxyethyl)-4-(4-methyl-2-oxo-1,2-dihydroquinolin-7-yl)benzamide 'C20 H19 Cl N2 O3'
SO4 non-polymer 'SULFATE ION' 'O4 S -2'
ZN non-polymer 'ZINC ION' 'Zn 2'
#
# COMPACT_ATOMS: atom_id res chain seq x y z
N GLY A 1 20.59 5.74 -2.60
CA GLY A 1 20.55 6.84 -1.63
C GLY A 1 19.59 6.55 -0.48
N THR A 2 19.13 5.31 -0.36
CA THR A 2 18.13 5.06 0.67
C THR A 2 18.74 4.66 2.01
N ILE A 3 18.30 5.28 3.10
CA ILE A 3 18.60 4.69 4.39
C ILE A 3 17.34 4.35 5.21
N LEU A 4 17.46 3.32 6.03
CA LEU A 4 16.36 2.82 6.83
C LEU A 4 16.65 2.99 8.31
N ILE A 5 15.75 3.68 9.00
CA ILE A 5 15.94 3.92 10.47
C ILE A 5 14.88 3.14 11.24
N ASP A 6 15.33 2.29 12.18
CA ASP A 6 14.42 1.43 13.01
C ASP A 6 13.63 2.31 13.92
N LEU A 7 12.30 2.16 13.96
CA LEU A 7 11.57 2.89 14.99
C LEU A 7 11.51 2.00 16.25
N SER A 8 11.60 2.60 17.43
CA SER A 8 11.53 1.81 18.67
C SER A 8 10.05 1.53 18.99
N PRO A 9 9.70 0.30 19.45
CA PRO A 9 8.30 0.02 19.86
C PRO A 9 7.74 0.98 20.91
N ASP A 10 8.65 1.63 21.65
CA ASP A 10 8.31 2.62 22.68
C ASP A 10 8.01 3.97 22.07
N ASP A 11 8.42 4.17 20.81
CA ASP A 11 8.23 5.43 20.12
C ASP A 11 6.73 5.55 19.66
N LYS A 12 6.13 6.74 19.82
CA LYS A 12 4.72 6.95 19.48
C LYS A 12 4.43 6.82 17.95
N GLU A 13 5.44 7.05 17.13
CA GLU A 13 5.31 6.87 15.72
C GLU A 13 5.25 5.35 15.40
N PHE A 14 6.12 4.55 16.02
CA PHE A 14 5.94 3.09 15.90
C PHE A 14 4.50 2.68 16.22
N GLN A 15 4.00 3.21 17.33
CA GLN A 15 2.70 2.81 17.80
C GLN A 15 1.50 3.30 16.93
N SER A 16 1.52 4.51 16.37
CA SER A 16 0.38 4.90 15.56
C SER A 16 0.44 4.14 14.24
N VAL A 17 1.66 3.90 13.72
CA VAL A 17 1.77 3.06 12.51
C VAL A 17 1.24 1.62 12.77
N GLU A 18 1.67 0.98 13.86
CA GLU A 18 1.12 -0.36 14.19
C GLU A 18 -0.40 -0.32 14.30
N GLU A 19 -0.95 0.73 14.94
CA GLU A 19 -2.39 0.84 15.12
C GLU A 19 -3.16 0.92 13.80
N GLU A 20 -2.60 1.64 12.83
CA GLU A 20 -3.20 1.73 11.53
C GLU A 20 -3.16 0.38 10.78
N MET A 21 -2.05 -0.36 10.92
CA MET A 21 -1.97 -1.80 10.55
C MET A 21 -3.05 -2.69 11.15
N GLN A 22 -3.00 -2.84 12.47
CA GLN A 22 -3.96 -3.70 13.21
C GLN A 22 -5.44 -3.26 12.99
N SER A 23 -5.73 -1.95 12.92
CA SER A 23 -7.12 -1.56 13.06
C SER A 23 -7.89 -1.64 11.71
N THR A 24 -7.15 -1.88 10.63
CA THR A 24 -7.68 -1.91 9.28
C THR A 24 -7.59 -3.33 8.67
N VAL A 25 -7.36 -4.36 9.49
CA VAL A 25 -7.67 -5.74 9.07
C VAL A 25 -9.21 -5.95 8.97
N ARG A 26 -9.61 -6.66 7.92
CA ARG A 26 -10.96 -7.13 7.78
C ARG A 26 -10.99 -8.53 7.28
N GLU A 27 -12.17 -9.15 7.35
CA GLU A 27 -12.33 -10.44 6.71
C GLU A 27 -12.36 -10.24 5.17
N HIS A 28 -11.90 -11.23 4.43
CA HIS A 28 -11.94 -11.09 3.00
C HIS A 28 -12.84 -12.13 2.36
N ARG A 29 -13.45 -11.74 1.23
CA ARG A 29 -14.46 -12.56 0.58
C ARG A 29 -13.88 -13.86 -0.01
N ASP A 30 -12.54 -13.99 -0.05
CA ASP A 30 -11.92 -15.21 -0.57
C ASP A 30 -11.63 -16.23 0.50
N GLY A 31 -12.12 -15.98 1.72
CA GLY A 31 -11.94 -16.86 2.90
C GLY A 31 -10.47 -16.93 3.30
N GLY A 32 -9.65 -15.99 2.81
CA GLY A 32 -8.24 -15.99 3.18
C GLY A 32 -7.38 -16.67 2.14
N HIS A 33 -7.96 -17.06 1.00
CA HIS A 33 -7.20 -17.73 -0.03
C HIS A 33 -5.89 -17.03 -0.43
N ALA A 34 -5.96 -15.73 -0.76
CA ALA A 34 -4.83 -14.95 -1.25
C ALA A 34 -3.82 -14.58 -0.14
N GLY A 35 -4.34 -14.11 1.01
CA GLY A 35 -3.52 -13.48 2.02
C GLY A 35 -3.41 -14.25 3.32
N GLY A 36 -4.18 -15.35 3.42
CA GLY A 36 -4.17 -16.17 4.63
C GLY A 36 -5.30 -15.84 5.58
N ILE A 37 -5.46 -16.68 6.59
CA ILE A 37 -6.52 -16.53 7.58
C ILE A 37 -5.94 -15.94 8.87
N PHE A 38 -6.43 -14.78 9.29
CA PHE A 38 -5.91 -14.08 10.48
C PHE A 38 -6.83 -12.93 10.83
N ASN A 39 -6.70 -12.43 12.05
CA ASN A 39 -7.43 -11.27 12.56
C ASN A 39 -6.50 -10.15 12.95
N ARG A 40 -5.23 -10.50 13.15
CA ARG A 40 -4.24 -9.53 13.59
C ARG A 40 -2.79 -9.91 13.17
N TYR A 41 -1.85 -8.96 13.27
CA TYR A 41 -0.48 -9.23 12.91
C TYR A 41 0.40 -9.32 14.13
N ASN A 42 1.50 -10.02 13.99
CA ASN A 42 2.62 -9.79 14.91
C ASN A 42 3.61 -8.83 14.20
N ILE A 43 3.67 -7.57 14.65
CA ILE A 43 4.61 -6.61 14.08
C ILE A 43 6.06 -6.82 14.53
N LEU A 44 6.99 -6.99 13.60
CA LEU A 44 8.34 -7.41 13.97
C LEU A 44 9.28 -6.26 13.89
N LYS A 45 9.01 -5.33 12.97
CA LYS A 45 9.89 -4.17 12.80
C LYS A 45 9.15 -3.11 12.06
N ILE A 46 9.42 -1.84 12.40
CA ILE A 46 8.95 -0.77 11.57
C ILE A 46 10.10 0.14 11.31
N GLN A 47 10.42 0.28 10.03
CA GLN A 47 11.43 1.21 9.57
C GLN A 47 10.92 2.39 8.78
N LYS A 48 11.51 3.54 9.07
CA LYS A 48 11.30 4.73 8.30
C LYS A 48 12.26 4.77 7.09
N VAL A 49 11.68 4.98 5.89
CA VAL A 49 12.47 4.95 4.65
C VAL A 49 12.93 6.41 4.31
N CYS A 50 14.23 6.62 4.14
CA CYS A 50 14.79 7.98 3.96
CA CYS A 50 14.78 7.98 3.96
C CYS A 50 15.62 8.04 2.69
N ASN A 51 15.17 8.82 1.72
CA ASN A 51 15.84 8.99 0.44
C ASN A 51 15.48 10.41 -0.07
N LYS A 52 16.45 11.30 0.07
CA LYS A 52 16.26 12.74 -0.23
C LYS A 52 15.75 12.91 -1.68
N LYS A 53 16.36 12.20 -2.61
CA LYS A 53 16.00 12.29 -3.99
C LYS A 53 14.56 11.83 -4.24
N LEU A 54 14.17 10.71 -3.66
CA LEU A 54 12.81 10.24 -3.86
C LEU A 54 11.76 11.14 -3.19
N TRP A 55 12.13 11.69 -2.04
CA TRP A 55 11.28 12.65 -1.31
C TRP A 55 11.00 13.94 -2.14
N GLU A 56 12.07 14.50 -2.70
CA GLU A 56 11.94 15.69 -3.56
C GLU A 56 11.14 15.38 -4.81
N ARG A 57 11.30 14.17 -5.31
CA ARG A 57 10.55 13.80 -6.49
C ARG A 57 9.06 13.83 -6.13
N TYR A 58 8.75 13.31 -4.95
CA TYR A 58 7.40 13.24 -4.46
C TYR A 58 6.84 14.65 -4.19
N THR A 59 7.58 15.49 -3.45
CA THR A 59 7.07 16.81 -3.07
C THR A 59 7.00 17.77 -4.25
N HIS A 60 7.94 17.64 -5.19
CA HIS A 60 7.80 18.36 -6.43
C HIS A 60 6.46 18.00 -7.14
N ARG A 61 6.13 16.72 -7.29
CA ARG A 61 4.86 16.38 -7.94
C ARG A 61 3.64 16.83 -7.11
N ARG A 62 3.78 16.76 -5.78
CA ARG A 62 2.71 17.08 -4.84
C ARG A 62 2.27 18.53 -5.03
N LYS A 63 3.26 19.43 -5.13
CA LYS A 63 3.01 20.86 -5.40
C LYS A 63 2.23 21.11 -6.68
N GLU A 64 2.61 20.41 -7.74
CA GLU A 64 1.91 20.46 -9.03
C GLU A 64 0.48 19.98 -8.95
N VAL A 65 0.25 18.86 -8.27
CA VAL A 65 -1.13 18.35 -8.15
C VAL A 65 -1.98 19.34 -7.34
N SER A 66 -1.38 19.80 -6.26
CA SER A 66 -1.91 20.79 -5.35
C SER A 66 -2.43 22.02 -6.11
N GLU A 67 -1.52 22.66 -6.85
CA GLU A 67 -1.88 23.82 -7.70
C GLU A 67 -3.01 23.56 -8.66
N GLU A 68 -3.20 22.31 -9.10
CA GLU A 68 -4.24 22.01 -10.08
C GLU A 68 -5.56 21.69 -9.43
N ASN A 69 -5.55 21.58 -8.08
CA ASN A 69 -6.71 21.09 -7.37
C ASN A 69 -7.11 22.01 -6.21
N HIS A 70 -7.48 23.26 -6.53
CA HIS A 70 -7.88 24.24 -5.50
C HIS A 70 -6.99 24.21 -4.23
N ASN A 71 -5.67 24.24 -4.45
CA ASN A 71 -4.63 24.09 -3.40
C ASN A 71 -4.79 22.89 -2.47
N HIS A 72 -5.13 21.75 -3.04
CA HIS A 72 -5.42 20.56 -2.26
C HIS A 72 -4.78 19.29 -2.87
N ALA A 73 -3.60 18.93 -2.38
CA ALA A 73 -2.94 17.63 -2.61
C ALA A 73 -3.81 16.40 -2.34
N ASN A 74 -4.71 16.51 -1.36
CA ASN A 74 -5.53 15.35 -1.00
C ASN A 74 -4.58 14.19 -0.67
N GLU A 75 -3.67 14.43 0.28
CA GLU A 75 -2.63 13.52 0.60
C GLU A 75 -3.09 12.47 1.65
N ARG A 76 -2.92 11.20 1.35
CA ARG A 76 -3.28 10.11 2.29
C ARG A 76 -2.08 9.26 2.74
N MET A 77 -2.29 8.46 3.78
CA MET A 77 -1.35 7.42 4.14
C MET A 77 -2.02 6.09 3.88
N LEU A 78 -1.41 5.27 3.02
CA LEU A 78 -2.09 4.12 2.46
C LEU A 78 -1.10 2.97 2.37
N PHE A 79 -1.58 1.72 2.56
CA PHE A 79 -0.75 0.54 2.41
C PHE A 79 -0.52 0.13 0.97
N HIS A 80 0.67 -0.41 0.75
CA HIS A 80 1.02 -1.04 -0.47
C HIS A 80 1.77 -2.35 -0.20
N GLY A 81 1.26 -3.47 -0.70
CA GLY A 81 1.98 -4.78 -0.60
C GLY A 81 2.39 -5.23 -2.00
N SER A 82 3.55 -5.87 -2.08
CA SER A 82 4.12 -6.28 -3.34
C SER A 82 5.36 -7.13 -3.16
N PRO A 83 5.62 -8.05 -4.11
CA PRO A 83 6.96 -8.69 -4.09
C PRO A 83 8.14 -7.71 -4.36
N PHE A 84 7.87 -6.48 -4.79
CA PHE A 84 8.93 -5.58 -5.26
C PHE A 84 9.26 -4.54 -4.21
N VAL A 85 8.83 -4.80 -2.99
CA VAL A 85 9.00 -3.83 -1.92
C VAL A 85 10.48 -3.32 -1.79
N ASN A 86 11.46 -4.23 -1.83
CA ASN A 86 12.87 -3.82 -1.70
CA ASN A 86 12.81 -3.77 -1.64
C ASN A 86 13.30 -2.98 -2.86
N ALA A 87 12.73 -3.21 -4.04
CA ALA A 87 13.08 -2.36 -5.15
C ALA A 87 12.43 -0.94 -5.06
N ILE A 88 11.14 -0.89 -4.66
CA ILE A 88 10.43 0.37 -4.39
C ILE A 88 11.15 1.32 -3.37
N ILE A 89 11.57 0.80 -2.22
CA ILE A 89 12.29 1.63 -1.22
C ILE A 89 13.62 2.19 -1.76
N HIS A 90 14.24 1.52 -2.73
CA HIS A 90 15.51 2.01 -3.28
C HIS A 90 15.36 2.92 -4.48
N LYS A 91 14.43 2.63 -5.37
CA LYS A 91 14.36 3.35 -6.63
C LYS A 91 13.01 4.05 -6.84
N GLY A 92 12.05 3.80 -5.94
CA GLY A 92 10.76 4.50 -6.04
C GLY A 92 9.72 3.73 -6.80
N PHE A 93 8.47 4.21 -6.78
CA PHE A 93 7.39 3.62 -7.57
C PHE A 93 7.59 4.00 -9.01
N ASP A 94 7.33 3.04 -9.90
CA ASP A 94 7.26 3.38 -11.32
C ASP A 94 6.32 2.42 -12.07
N GLU A 95 6.30 2.55 -13.39
CA GLU A 95 5.38 1.76 -14.27
C GLU A 95 5.43 0.25 -14.03
N ARG A 96 6.52 -0.22 -13.46
CA ARG A 96 6.70 -1.62 -13.29
C ARG A 96 6.01 -2.12 -12.07
N HIS A 97 5.51 -1.17 -11.25
CA HIS A 97 4.73 -1.53 -10.05
C HIS A 97 3.20 -1.42 -10.33
N ALA A 98 2.87 -1.10 -11.58
CA ALA A 98 1.48 -0.94 -12.00
C ALA A 98 0.79 -2.28 -12.21
N TYR A 99 -0.50 -2.33 -11.91
CA TYR A 99 -1.30 -3.52 -12.09
C TYR A 99 -1.98 -3.40 -13.49
N ILE A 100 -1.42 -4.05 -14.49
CA ILE A 100 -1.95 -4.00 -15.86
C ILE A 100 -3.42 -4.39 -15.91
N GLY A 101 -3.78 -5.51 -15.27
CA GLY A 101 -5.13 -5.96 -15.35
C GLY A 101 -6.02 -5.56 -14.19
N GLY A 102 -5.69 -4.44 -13.55
CA GLY A 102 -6.48 -3.92 -12.46
C GLY A 102 -7.82 -3.38 -12.94
N MET A 103 -8.82 -3.57 -12.13
CA MET A 103 -10.18 -3.09 -12.36
C MET A 103 -10.33 -1.59 -12.63
N PHE A 104 -9.42 -0.77 -12.09
CA PHE A 104 -9.61 0.70 -12.22
C PHE A 104 -8.57 1.26 -13.19
N GLY A 105 -8.07 0.38 -14.06
CA GLY A 105 -7.10 0.73 -15.06
C GLY A 105 -5.67 0.50 -14.59
N ALA A 106 -4.71 0.77 -15.46
CA ALA A 106 -3.35 0.27 -15.32
C ALA A 106 -2.51 1.23 -14.51
N GLY A 107 -2.62 1.21 -13.20
CA GLY A 107 -1.78 2.12 -12.42
C GLY A 107 -1.34 1.40 -11.18
N ILE A 108 -0.80 2.15 -10.24
CA ILE A 108 -0.33 1.64 -8.96
C ILE A 108 -1.43 1.69 -7.89
N TYR A 109 -1.71 0.53 -7.29
CA TYR A 109 -2.79 0.37 -6.34
C TYR A 109 -2.31 0.42 -4.91
N PHE A 110 -3.08 1.13 -4.09
CA PHE A 110 -2.88 1.29 -2.67
C PHE A 110 -4.19 0.97 -1.94
N ALA A 111 -4.10 0.67 -0.67
CA ALA A 111 -5.31 0.19 0.02
C ALA A 111 -5.43 0.86 1.37
N GLU A 112 -6.66 1.24 1.73
CA GLU A 112 -6.96 1.58 3.10
C GLU A 112 -6.97 0.37 4.05
N ASN A 113 -7.39 -0.82 3.59
CA ASN A 113 -7.26 -2.01 4.46
C ASN A 113 -5.86 -2.62 4.37
N SER A 114 -5.15 -2.68 5.47
CA SER A 114 -3.84 -3.31 5.44
C SER A 114 -3.98 -4.79 4.99
N SER A 115 -5.09 -5.43 5.32
CA SER A 115 -5.30 -6.88 4.97
C SER A 115 -5.49 -7.06 3.44
N LYS A 116 -5.89 -5.97 2.76
CA LYS A 116 -6.04 -5.95 1.31
C LYS A 116 -4.62 -5.97 0.71
N SER A 117 -3.77 -5.07 1.17
CA SER A 117 -2.37 -5.05 0.73
C SER A 117 -1.64 -6.36 1.03
N ASN A 118 -1.89 -6.98 2.18
CA ASN A 118 -1.34 -8.30 2.53
C ASN A 118 -1.63 -9.43 1.53
N GLN A 119 -2.80 -9.40 0.90
CA GLN A 119 -3.12 -10.32 -0.16
C GLN A 119 -2.14 -10.30 -1.36
N TYR A 120 -1.40 -9.21 -1.55
CA TYR A 120 -0.56 -8.99 -2.72
C TYR A 120 0.90 -9.08 -2.36
N VAL A 121 1.20 -9.39 -1.10
CA VAL A 121 2.57 -9.42 -0.64
C VAL A 121 3.39 -10.49 -1.48
N TYR A 122 2.78 -11.64 -1.75
CA TYR A 122 3.42 -12.68 -2.57
C TYR A 122 2.98 -12.70 -4.05
N GLY A 123 2.39 -11.58 -4.50
CA GLY A 123 2.10 -11.36 -5.95
C GLY A 123 0.59 -11.26 -6.15
N ILE A 124 0.14 -11.06 -7.40
CA ILE A 124 -1.32 -10.93 -7.71
C ILE A 124 -1.98 -12.17 -7.16
N GLY A 125 -3.07 -12.07 -6.42
CA GLY A 125 -3.76 -13.27 -5.92
C GLY A 125 -3.03 -14.07 -4.84
N GLY A 126 -1.98 -13.47 -4.27
CA GLY A 126 -1.12 -14.17 -3.29
C GLY A 126 -0.08 -15.01 -3.99
N GLY A 127 -0.05 -15.00 -5.33
CA GLY A 127 0.91 -15.80 -6.13
C GLY A 127 0.86 -17.25 -5.62
N THR A 128 2.03 -17.84 -5.33
CA THR A 128 2.12 -19.18 -4.73
C THR A 128 2.52 -19.10 -3.24
N GLY A 129 2.38 -17.95 -2.57
CA GLY A 129 2.61 -17.95 -1.13
C GLY A 129 4.09 -17.76 -0.77
N CYS A 130 4.46 -17.95 0.51
CA CYS A 130 5.86 -17.66 0.92
C CYS A 130 6.83 -18.45 0.01
N PRO A 131 8.04 -17.90 -0.21
CA PRO A 131 9.03 -18.65 -1.04
C PRO A 131 9.40 -19.99 -0.38
N VAL A 132 9.34 -20.04 0.95
CA VAL A 132 9.87 -21.21 1.64
C VAL A 132 8.93 -22.41 1.65
N HIS A 133 7.64 -22.17 1.92
CA HIS A 133 6.64 -23.22 2.14
C HIS A 133 5.53 -23.26 1.07
N LYS A 134 5.52 -22.28 0.15
CA LYS A 134 4.46 -22.15 -0.88
C LYS A 134 3.06 -22.12 -0.20
N ASP A 135 2.95 -21.36 0.87
CA ASP A 135 1.78 -21.33 1.70
C ASP A 135 1.34 -19.84 1.75
N ARG A 136 0.18 -19.59 1.15
CA ARG A 136 -0.34 -18.23 1.14
C ARG A 136 -0.78 -17.80 2.52
N SER A 137 -1.05 -18.79 3.39
CA SER A 137 -1.42 -18.50 4.76
C SER A 137 -0.28 -18.74 5.74
N CYS A 138 0.95 -18.66 5.26
CA CYS A 138 2.10 -18.96 6.14
C CYS A 138 2.14 -18.09 7.36
N TYR A 139 2.11 -18.68 8.56
CA TYR A 139 2.29 -17.96 9.83
C TYR A 139 3.75 -17.85 10.35
N ILE A 140 4.69 -18.41 9.63
CA ILE A 140 6.11 -18.49 10.03
C ILE A 140 6.91 -17.37 9.32
N CYS A 141 6.83 -17.33 8.00
CA CYS A 141 7.71 -16.45 7.21
C CYS A 141 7.37 -15.00 7.43
N HIS A 142 8.42 -14.18 7.57
CA HIS A 142 8.32 -12.72 7.72
C HIS A 142 7.78 -12.06 6.44
N ARG A 143 6.68 -11.29 6.54
CA ARG A 143 6.16 -10.51 5.38
C ARG A 143 6.55 -9.03 5.51
N GLN A 144 6.49 -8.30 4.40
CA GLN A 144 6.75 -6.83 4.40
C GLN A 144 5.68 -6.05 3.64
N LEU A 145 5.16 -4.97 4.25
CA LEU A 145 4.23 -4.02 3.63
C LEU A 145 4.89 -2.67 3.69
N LEU A 146 4.53 -1.83 2.74
CA LEU A 146 4.83 -0.39 2.83
C LEU A 146 3.58 0.45 3.26
N PHE A 147 3.82 1.44 4.10
CA PHE A 147 2.78 2.39 4.49
C PHE A 147 3.26 3.70 3.86
N CYS A 148 2.51 4.15 2.85
CA CYS A 148 3.01 5.17 1.94
C CYS A 148 2.26 6.51 1.96
N ARG A 149 2.96 7.59 1.65
CA ARG A 149 2.39 8.89 1.52
C ARG A 149 1.96 9.00 0.05
N VAL A 150 0.64 9.18 -0.18
CA VAL A 150 0.07 9.17 -1.55
C VAL A 150 -0.73 10.47 -1.83
N THR A 151 -0.34 11.19 -2.89
CA THR A 151 -1.04 12.37 -3.38
C THR A 151 -2.15 11.95 -4.35
N LEU A 152 -3.40 12.19 -3.97
CA LEU A 152 -4.56 11.79 -4.80
C LEU A 152 -5.09 12.94 -5.67
N GLY A 153 -4.83 14.19 -5.28
CA GLY A 153 -5.36 15.36 -6.04
C GLY A 153 -6.85 15.17 -6.21
N LYS A 154 -7.39 15.57 -7.37
CA LYS A 154 -8.82 15.23 -7.70
C LYS A 154 -8.91 13.78 -8.06
N SER A 155 -9.61 13.02 -7.21
CA SER A 155 -9.73 11.59 -7.42
C SER A 155 -11.04 11.31 -8.16
N PHE A 156 -10.99 10.49 -9.19
CA PHE A 156 -12.21 10.09 -9.86
C PHE A 156 -12.87 8.94 -9.10
N LEU A 157 -14.12 9.14 -8.70
CA LEU A 157 -14.79 8.16 -7.91
C LEU A 157 -15.42 7.08 -8.74
N GLN A 158 -14.99 5.84 -8.52
CA GLN A 158 -15.47 4.74 -9.29
C GLN A 158 -16.07 3.76 -8.32
N PHE A 159 -17.37 3.57 -8.36
CA PHE A 159 -18.00 2.63 -7.46
C PHE A 159 -17.68 1.25 -8.00
N SER A 160 -17.48 0.32 -7.10
CA SER A 160 -17.07 -1.00 -7.52
C SER A 160 -18.10 -1.89 -6.99
N ALA A 161 -18.34 -2.97 -7.71
CA ALA A 161 -19.36 -3.90 -7.30
C ALA A 161 -18.80 -4.98 -6.32
N MET A 162 -17.62 -4.71 -5.74
CA MET A 162 -17.00 -5.55 -4.69
C MET A 162 -17.53 -5.31 -3.25
N MET A 164 1.15 1.62 -18.29
CA MET A 164 0.51 2.52 -17.30
C MET A 164 -0.38 3.62 -17.95
N ALA A 165 -1.71 3.53 -17.74
CA ALA A 165 -2.74 4.44 -18.34
C ALA A 165 -2.65 5.90 -17.88
N HIS A 166 -3.57 6.73 -18.35
CA HIS A 166 -3.73 8.08 -17.77
C HIS A 166 -4.92 8.08 -16.79
N SER A 167 -4.95 9.04 -15.87
CA SER A 167 -6.13 9.26 -15.03
C SER A 167 -7.18 9.88 -15.95
N PRO A 168 -8.48 9.70 -15.63
CA PRO A 168 -9.51 10.31 -16.50
C PRO A 168 -9.29 11.83 -16.58
N PRO A 169 -9.58 12.45 -17.74
CA PRO A 169 -9.29 13.89 -17.81
C PRO A 169 -9.90 14.67 -16.64
N GLY A 170 -9.15 15.63 -16.13
CA GLY A 170 -9.56 16.28 -14.89
C GLY A 170 -8.80 15.74 -13.69
N HIS A 171 -8.60 14.42 -13.63
CA HIS A 171 -8.29 13.75 -12.35
C HIS A 171 -6.83 13.31 -12.18
N HIS A 172 -6.37 13.25 -10.93
CA HIS A 172 -4.99 12.87 -10.64
C HIS A 172 -4.87 11.41 -10.13
N SER A 173 -6.02 10.75 -9.93
CA SER A 173 -6.06 9.41 -9.37
C SER A 173 -7.46 8.91 -9.49
N VAL A 174 -7.63 7.62 -9.18
CA VAL A 174 -8.95 7.02 -9.14
C VAL A 174 -9.18 6.44 -7.72
N THR A 175 -10.37 6.64 -7.17
CA THR A 175 -10.87 5.92 -5.98
C THR A 175 -11.80 4.78 -6.41
N GLY A 176 -11.42 3.58 -5.97
CA GLY A 176 -12.18 2.38 -6.22
C GLY A 176 -12.85 2.04 -4.91
N ARG A 177 -14.17 2.24 -4.89
CA ARG A 177 -14.88 2.25 -3.62
C ARG A 177 -15.86 1.12 -3.59
N PRO A 178 -15.53 0.04 -2.84
CA PRO A 178 -16.49 -1.08 -2.82
C PRO A 178 -17.92 -0.62 -2.47
N SER A 179 -18.92 -1.01 -3.25
CA SER A 179 -20.33 -0.66 -2.96
C SER A 179 -21.18 -1.78 -2.34
N VAL A 180 -20.69 -3.03 -2.38
CA VAL A 180 -21.46 -4.21 -1.91
C VAL A 180 -21.01 -4.61 -0.50
N ASN A 181 -19.71 -4.85 -0.36
CA ASN A 181 -19.19 -5.10 0.98
C ASN A 181 -19.04 -3.79 1.76
N GLY A 182 -20.02 -3.57 2.64
CA GLY A 182 -20.13 -2.40 3.50
C GLY A 182 -19.01 -2.23 4.50
N LEU A 183 -18.19 -3.25 4.72
CA LEU A 183 -17.01 -3.15 5.60
C LEU A 183 -15.67 -3.02 4.87
N ALA A 184 -15.69 -3.13 3.54
CA ALA A 184 -14.47 -3.03 2.80
C ALA A 184 -14.15 -1.53 2.61
N LEU A 185 -12.90 -1.11 2.88
CA LEU A 185 -12.48 0.28 2.64
C LEU A 185 -11.99 0.50 1.19
N ALA A 186 -11.66 1.72 0.80
CA ALA A 186 -11.28 2.04 -0.58
C ALA A 186 -9.90 1.57 -1.00
N GLU A 187 -9.72 1.51 -2.33
CA GLU A 187 -8.43 1.38 -2.94
C GLU A 187 -8.30 2.59 -3.81
N TYR A 188 -7.08 3.02 -4.03
CA TYR A 188 -6.80 4.17 -4.87
C TYR A 188 -5.77 3.80 -5.87
N VAL A 189 -5.79 4.45 -7.07
CA VAL A 189 -4.89 4.11 -8.18
C VAL A 189 -4.24 5.40 -8.64
N ILE A 190 -2.92 5.43 -8.66
CA ILE A 190 -2.23 6.54 -9.26
C ILE A 190 -1.56 6.07 -10.55
N TYR A 191 -1.35 7.03 -11.45
CA TYR A 191 -0.73 6.74 -12.74
C TYR A 191 0.64 7.31 -12.90
N ARG A 192 1.18 7.92 -11.87
CA ARG A 192 2.55 8.45 -11.88
C ARG A 192 3.23 8.00 -10.57
N GLY A 193 4.47 7.51 -10.67
CA GLY A 193 5.19 6.96 -9.55
C GLY A 193 5.48 8.03 -8.55
N GLU A 194 5.71 9.24 -9.07
CA GLU A 194 6.05 10.42 -8.30
C GLU A 194 4.97 10.79 -7.27
N GLN A 195 3.76 10.30 -7.49
CA GLN A 195 2.69 10.54 -6.54
C GLN A 195 2.63 9.65 -5.30
N ALA A 196 3.62 8.79 -5.08
CA ALA A 196 3.70 8.08 -3.81
C ALA A 196 5.16 8.07 -3.29
N TYR A 197 5.31 8.21 -1.98
CA TYR A 197 6.58 8.02 -1.25
C TYR A 197 6.42 6.88 -0.21
N PRO A 198 7.32 5.89 -0.26
CA PRO A 198 7.16 4.77 0.65
C PRO A 198 7.80 5.09 2.01
N GLU A 199 7.07 5.74 2.92
CA GLU A 199 7.59 6.21 4.17
C GLU A 199 8.00 5.19 5.15
N TYR A 200 7.23 4.10 5.28
CA TYR A 200 7.51 3.06 6.31
C TYR A 200 7.50 1.69 5.67
N LEU A 201 8.54 0.96 6.04
CA LEU A 201 8.63 -0.42 5.71
C LEU A 201 8.23 -1.21 6.97
N ILE A 202 7.20 -2.01 6.85
CA ILE A 202 6.69 -2.79 8.01
C ILE A 202 6.95 -4.28 7.84
N THR A 203 7.66 -4.86 8.79
CA THR A 203 8.00 -6.29 8.69
C THR A 203 7.10 -7.01 9.72
N TYR A 204 6.47 -8.12 9.35
CA TYR A 204 5.42 -8.69 10.20
C TYR A 204 5.13 -10.15 9.86
N GLN A 205 4.39 -10.80 10.76
CA GLN A 205 3.74 -12.05 10.47
C GLN A 205 2.23 -11.87 10.72
N ILE A 206 1.41 -12.54 9.89
CA ILE A 206 0.02 -12.74 10.18
C ILE A 206 -0.02 -13.75 11.38
N MET A 207 -1.04 -13.65 12.21
CA MET A 207 -1.14 -14.46 13.42
C MET A 207 -2.23 -15.51 13.26
N ARG A 208 -1.92 -16.76 13.64
CA ARG A 208 -2.94 -17.80 13.61
C ARG A 208 -4.03 -17.46 14.63
N PRO A 209 -5.32 -17.45 14.20
CA PRO A 209 -6.43 -17.19 15.17
C PRO A 209 -6.54 -18.33 16.22
N GLU A 210 -7.07 -18.01 17.39
CA GLU A 210 -7.21 -19.05 18.44
C GLU A 210 -8.57 -19.69 18.46
ZN ZN B . 6.56 -19.76 4.75
S SO4 C . -12.07 -9.13 -0.91
O1 SO4 C . -12.91 -9.25 0.29
O2 SO4 C . -11.81 -7.74 -1.23
O3 SO4 C . -10.79 -9.80 -0.77
O4 SO4 C . -12.75 -9.66 -2.05
S SO4 D . -6.73 -13.93 17.35
O1 SO4 D . -6.24 -14.52 18.60
O2 SO4 D . -7.19 -12.56 17.60
O3 SO4 D . -5.65 -13.92 16.37
O4 SO4 D . -7.82 -14.78 16.88
C4 AJ5 E . 4.51 -7.82 -13.18
C6 AJ5 E . 3.27 -7.78 -11.04
C8 AJ5 E . 2.39 -7.09 -10.01
C10 AJ5 E . 0.78 -5.38 -9.43
C13 AJ5 E . -1.64 -5.21 -7.59
C15 AJ5 E . -2.40 -4.29 -5.47
C17 AJ5 E . -4.91 -3.77 -4.92
C24 AJ5 E . -0.01 -4.84 -5.85
C1 AJ5 E . 1.63 -8.36 -15.67
O2 AJ5 E . 2.52 -8.46 -14.53
C3 AJ5 E . 3.73 -7.67 -14.52
N5 AJ5 E . 3.70 -7.17 -12.15
O7 AJ5 E . 3.52 -8.97 -10.88
C9 AJ5 E . 1.62 -5.97 -10.37
C11 AJ5 E . 0.68 -5.84 -8.11
C12 AJ5 E . -0.31 -5.24 -7.15
C14 AJ5 E . -2.68 -4.73 -6.81
C16 AJ5 E . -3.44 -3.81 -4.51
C18 AJ5 E . -3.07 -3.44 -3.22
C19 AJ5 E . -1.70 -3.54 -2.85
O20 AJ5 E . -1.30 -3.24 -1.72
N21 AJ5 E . -0.77 -3.97 -3.76
C23 AJ5 E . -1.04 -4.36 -5.03
C25 AJ5 E . 1.46 -7.00 -7.74
CL AJ5 E . 1.47 -7.75 -6.14
C27 AJ5 E . 2.30 -7.59 -8.70
#